data_7ZZN
#
_entry.id   7ZZN
#
_cell.length_a   55.98
_cell.length_b   55.98
_cell.length_c   183.15
_cell.angle_alpha   90
_cell.angle_beta   90
_cell.angle_gamma   90
#
_symmetry.space_group_name_H-M   'P 41 21 2'
#
loop_
_entity.id
_entity.type
_entity.pdbx_description
1 polymer 'Glutathione transferase'
2 non-polymer 'CALCIUM ION'
3 water water
#
_entity_poly.entity_id   1
_entity_poly.type   'polypeptide(L)'
_entity_poly.pdbx_seq_one_letter_code
;MADVKLHGSWVSPFNYRVIWALKLKGVEFEHIVEDLTNKSELLLKYNPVYKKIPVLVHGGKPIAESLVILEYIEETWPEN
PLLPTDPYERAMARFWIQYGATKTAAFGALFRASGEELEKAAKEVVEVLRVLEEQGLGDKKFFGGDSINLVDISFGLFTC
WLEAIEEAAGVKVLEPSTLPRLHAWAQNFIEVPLIKENIPDYDKLLLHMKGVREKMMNK
;
_entity_poly.pdbx_strand_id   A
#
loop_
_chem_comp.id
_chem_comp.type
_chem_comp.name
_chem_comp.formula
CA non-polymer 'CALCIUM ION' 'Ca 2'
#
# COMPACT_ATOMS: atom_id res chain seq x y z
N ASP A 3 -22.50 7.19 10.66
CA ASP A 3 -22.38 5.80 11.11
C ASP A 3 -20.93 5.32 11.00
N VAL A 4 -20.21 5.73 9.95
CA VAL A 4 -18.82 5.36 9.72
C VAL A 4 -18.01 6.60 9.45
N LYS A 5 -17.02 6.89 10.29
CA LYS A 5 -16.14 8.04 10.10
C LYS A 5 -14.70 7.57 9.90
N LEU A 6 -13.95 8.20 9.01
CA LEU A 6 -12.55 7.86 8.80
C LEU A 6 -11.68 9.06 9.11
N HIS A 7 -10.94 8.99 10.21
CA HIS A 7 -10.04 10.06 10.61
C HIS A 7 -8.71 9.78 9.94
N GLY A 8 -8.39 10.56 8.92
CA GLY A 8 -7.17 10.34 8.16
C GLY A 8 -6.49 11.57 7.63
N SER A 9 -5.84 11.39 6.50
CA SER A 9 -5.10 12.44 5.84
C SER A 9 -5.22 12.30 4.32
N TRP A 10 -4.76 13.31 3.57
N TRP A 10 -4.75 13.29 3.60
CA TRP A 10 -4.79 13.25 2.12
CA TRP A 10 -4.73 13.38 2.15
C TRP A 10 -3.50 12.68 1.50
C TRP A 10 -3.50 12.70 1.53
N VAL A 11 -2.46 12.41 2.32
CA VAL A 11 -1.21 11.84 1.79
C VAL A 11 -0.91 10.43 2.29
N SER A 12 -1.33 10.08 3.50
CA SER A 12 -0.99 8.77 4.08
C SER A 12 -1.44 7.56 3.25
N PRO A 13 -0.49 6.68 2.88
CA PRO A 13 -0.87 5.45 2.18
C PRO A 13 -1.69 4.51 3.07
N PHE A 14 -1.48 4.58 4.40
CA PHE A 14 -2.18 3.77 5.37
C PHE A 14 -3.65 4.15 5.43
N ASN A 15 -3.95 5.43 5.31
CA ASN A 15 -5.33 5.93 5.28
C ASN A 15 -5.99 5.49 3.96
N TYR A 16 -5.28 5.58 2.81
CA TYR A 16 -5.81 5.16 1.52
C TYR A 16 -6.16 3.68 1.46
N ARG A 17 -5.43 2.79 2.18
CA ARG A 17 -5.80 1.36 2.26
C ARG A 17 -7.27 1.22 2.75
N VAL A 18 -7.62 2.03 3.76
CA VAL A 18 -8.95 2.01 4.37
C VAL A 18 -9.99 2.57 3.40
N ILE A 19 -9.67 3.68 2.74
CA ILE A 19 -10.54 4.29 1.68
C ILE A 19 -10.87 3.24 0.62
N TRP A 20 -9.86 2.49 0.16
CA TRP A 20 -10.09 1.46 -0.85
C TRP A 20 -10.98 0.35 -0.37
N ALA A 21 -10.72 -0.18 0.83
CA ALA A 21 -11.46 -1.30 1.37
C ALA A 21 -12.93 -0.90 1.58
N LEU A 22 -13.18 0.31 2.08
CA LEU A 22 -14.54 0.79 2.30
C LEU A 22 -15.30 0.96 0.95
N LYS A 23 -14.63 1.53 -0.08
CA LYS A 23 -15.26 1.68 -1.39
C LYS A 23 -15.46 0.32 -2.08
N LEU A 24 -14.61 -0.67 -1.83
CA LEU A 24 -14.81 -2.03 -2.36
C LEU A 24 -16.03 -2.73 -1.72
N LYS A 25 -16.40 -2.34 -0.49
CA LYS A 25 -17.55 -2.90 0.20
C LYS A 25 -18.84 -2.08 0.00
N GLY A 26 -18.73 -0.91 -0.62
CA GLY A 26 -19.84 0.01 -0.84
C GLY A 26 -20.28 0.69 0.44
N VAL A 27 -19.34 0.94 1.36
CA VAL A 27 -19.66 1.55 2.64
C VAL A 27 -19.52 3.04 2.59
N GLU A 28 -20.60 3.76 2.94
CA GLU A 28 -20.55 5.21 2.93
C GLU A 28 -19.88 5.67 4.22
N PHE A 29 -19.06 6.71 4.13
CA PHE A 29 -18.33 7.22 5.29
C PHE A 29 -18.03 8.67 5.16
N GLU A 30 -17.75 9.32 6.28
CA GLU A 30 -17.33 10.71 6.27
C GLU A 30 -15.83 10.70 6.50
N HIS A 31 -15.08 11.26 5.56
CA HIS A 31 -13.65 11.32 5.67
C HIS A 31 -13.28 12.63 6.38
N ILE A 32 -12.75 12.53 7.60
CA ILE A 32 -12.33 13.66 8.43
C ILE A 32 -10.82 13.87 8.33
N VAL A 33 -10.39 14.85 7.54
CA VAL A 33 -8.95 15.10 7.35
C VAL A 33 -8.38 16.14 8.34
N LYS A 52 -2.17 9.40 16.17
CA LYS A 52 -1.87 9.15 14.76
C LYS A 52 -3.09 8.60 13.99
N ILE A 53 -3.07 8.74 12.66
CA ILE A 53 -4.12 8.25 11.77
C ILE A 53 -3.62 7.02 10.96
N PRO A 54 -4.51 6.19 10.35
CA PRO A 54 -5.99 6.28 10.36
C PRO A 54 -6.70 5.67 11.55
N VAL A 55 -7.90 6.20 11.82
CA VAL A 55 -8.76 5.66 12.86
C VAL A 55 -10.12 5.59 12.23
N LEU A 56 -10.70 4.40 12.19
CA LEU A 56 -12.03 4.21 11.69
C LEU A 56 -12.91 4.27 12.92
N VAL A 57 -14.04 4.98 12.86
CA VAL A 57 -14.98 5.08 13.97
C VAL A 57 -16.30 4.56 13.44
N HIS A 58 -16.74 3.40 13.90
CA HIS A 58 -17.97 2.78 13.44
C HIS A 58 -19.00 2.73 14.58
N GLY A 59 -20.02 3.57 14.50
CA GLY A 59 -21.03 3.65 15.55
C GLY A 59 -20.44 4.17 16.85
N GLY A 60 -19.56 5.16 16.73
CA GLY A 60 -18.89 5.77 17.88
C GLY A 60 -17.70 5.01 18.43
N LYS A 61 -17.48 3.77 17.95
CA LYS A 61 -16.41 2.90 18.44
C LYS A 61 -15.17 2.94 17.54
N PRO A 62 -14.01 3.27 18.11
CA PRO A 62 -12.80 3.41 17.27
C PRO A 62 -11.94 2.16 17.06
N ILE A 63 -11.38 2.04 15.85
CA ILE A 63 -10.48 0.95 15.49
C ILE A 63 -9.26 1.61 14.87
N ALA A 64 -8.07 1.37 15.42
CA ALA A 64 -6.84 1.95 14.89
C ALA A 64 -5.95 0.85 14.28
N GLU A 65 -4.93 1.26 13.46
CA GLU A 65 -3.97 0.41 12.77
C GLU A 65 -4.65 -0.09 11.50
N SER A 66 -4.15 0.36 10.32
CA SER A 66 -4.76 0.05 9.03
C SER A 66 -4.99 -1.45 8.83
N LEU A 67 -4.06 -2.31 9.21
CA LEU A 67 -4.23 -3.76 9.07
C LEU A 67 -5.33 -4.36 9.96
N VAL A 68 -5.50 -3.80 11.16
CA VAL A 68 -6.58 -4.21 12.05
C VAL A 68 -7.92 -3.70 11.46
N ILE A 69 -7.95 -2.45 10.98
CA ILE A 69 -9.12 -1.87 10.35
C ILE A 69 -9.56 -2.71 9.12
N LEU A 70 -8.60 -3.15 8.26
CA LEU A 70 -8.92 -3.97 7.06
C LEU A 70 -9.60 -5.28 7.40
N GLU A 71 -9.10 -6.01 8.43
CA GLU A 71 -9.73 -7.27 8.81
C GLU A 71 -11.09 -7.00 9.44
N TYR A 72 -11.26 -5.85 10.14
CA TYR A 72 -12.55 -5.46 10.72
C TYR A 72 -13.55 -5.20 9.59
N ILE A 73 -13.14 -4.49 8.54
CA ILE A 73 -14.01 -4.17 7.40
C ILE A 73 -14.42 -5.47 6.72
N GLU A 74 -13.48 -6.41 6.55
CA GLU A 74 -13.72 -7.71 5.92
C GLU A 74 -14.69 -8.56 6.72
N GLU A 75 -14.60 -8.49 8.06
CA GLU A 75 -15.54 -9.27 8.88
C GLU A 75 -16.88 -8.61 9.02
N THR A 76 -16.94 -7.28 9.09
CA THR A 76 -18.18 -6.51 9.26
C THR A 76 -19.02 -6.46 7.99
N TRP A 77 -18.36 -6.37 6.83
CA TRP A 77 -19.10 -6.35 5.56
C TRP A 77 -18.60 -7.51 4.72
N PRO A 78 -19.08 -8.72 5.00
CA PRO A 78 -18.52 -9.91 4.34
C PRO A 78 -18.76 -10.05 2.84
N GLU A 79 -19.72 -9.32 2.26
CA GLU A 79 -20.00 -9.41 0.81
C GLU A 79 -18.83 -8.85 0.01
N ASN A 80 -18.54 -9.45 -1.16
CA ASN A 80 -17.37 -9.17 -2.02
CA ASN A 80 -17.40 -9.12 -2.03
C ASN A 80 -16.12 -9.36 -1.15
N PRO A 81 -15.81 -10.62 -0.83
CA PRO A 81 -14.68 -10.85 0.06
C PRO A 81 -13.34 -10.36 -0.45
N LEU A 82 -12.53 -9.85 0.48
CA LEU A 82 -11.19 -9.36 0.25
C LEU A 82 -10.11 -10.29 0.82
N LEU A 83 -10.51 -11.46 1.36
CA LEU A 83 -9.60 -12.52 1.78
C LEU A 83 -10.15 -13.83 1.24
N PRO A 84 -9.31 -14.83 0.97
CA PRO A 84 -9.85 -16.14 0.51
C PRO A 84 -10.59 -16.89 1.62
N THR A 85 -11.34 -17.94 1.25
CA THR A 85 -12.10 -18.74 2.23
C THR A 85 -11.25 -19.83 2.88
N ASP A 86 -10.28 -20.37 2.13
CA ASP A 86 -9.44 -21.44 2.65
C ASP A 86 -8.45 -20.93 3.70
N PRO A 87 -8.38 -21.59 4.87
CA PRO A 87 -7.44 -21.16 5.90
C PRO A 87 -5.97 -21.13 5.49
N TYR A 88 -5.48 -22.08 4.68
CA TYR A 88 -4.07 -22.04 4.24
C TYR A 88 -3.86 -20.82 3.34
N GLU A 89 -4.79 -20.55 2.43
CA GLU A 89 -4.69 -19.39 1.53
C GLU A 89 -4.79 -18.07 2.32
N ARG A 90 -5.65 -18.03 3.38
CA ARG A 90 -5.76 -16.88 4.28
C ARG A 90 -4.47 -16.67 5.03
N ALA A 91 -3.83 -17.75 5.55
CA ALA A 91 -2.55 -17.65 6.26
C ALA A 91 -1.48 -17.11 5.34
N MET A 92 -1.47 -17.56 4.07
CA MET A 92 -0.49 -17.06 3.10
C MET A 92 -0.70 -15.59 2.84
N ALA A 93 -1.96 -15.12 2.78
CA ALA A 93 -2.28 -13.70 2.57
C ALA A 93 -1.80 -12.86 3.74
N ARG A 94 -2.04 -13.34 5.00
CA ARG A 94 -1.61 -12.64 6.19
C ARG A 94 -0.10 -12.66 6.30
N PHE A 95 0.56 -13.75 5.89
CA PHE A 95 2.02 -13.83 5.88
C PHE A 95 2.60 -12.73 4.99
N TRP A 96 2.04 -12.53 3.77
CA TRP A 96 2.59 -11.52 2.87
C TRP A 96 2.32 -10.14 3.37
N ILE A 97 1.14 -9.91 3.96
CA ILE A 97 0.83 -8.63 4.57
C ILE A 97 1.83 -8.30 5.69
N GLN A 98 2.05 -9.24 6.63
CA GLN A 98 3.04 -9.08 7.72
C GLN A 98 4.44 -8.86 7.14
N TYR A 99 4.77 -9.53 6.04
CA TYR A 99 6.09 -9.40 5.43
C TYR A 99 6.31 -7.94 4.95
N GLY A 100 5.32 -7.36 4.27
CA GLY A 100 5.42 -5.98 3.81
C GLY A 100 5.53 -5.00 4.96
N ALA A 101 4.75 -5.23 6.03
CA ALA A 101 4.72 -4.39 7.23
C ALA A 101 6.04 -4.44 8.02
N THR A 102 6.78 -5.56 7.94
CA THR A 102 8.05 -5.72 8.62
C THR A 102 9.20 -5.06 7.86
N LYS A 103 9.20 -5.19 6.53
CA LYS A 103 10.26 -4.66 5.70
C LYS A 103 10.22 -3.15 5.44
N THR A 104 9.92 -2.35 6.48
CA THR A 104 9.86 -0.89 6.40
C THR A 104 11.21 -0.19 6.70
N ALA A 105 12.18 -0.92 7.28
CA ALA A 105 13.50 -0.37 7.58
C ALA A 105 14.29 -0.07 6.29
N ALA A 106 14.02 -0.83 5.22
CA ALA A 106 14.66 -0.63 3.93
C ALA A 106 14.07 0.63 3.26
N PHE A 107 12.75 0.82 3.35
CA PHE A 107 12.06 1.97 2.76
C PHE A 107 12.35 3.30 3.44
N GLY A 108 12.68 3.25 4.73
CA GLY A 108 13.02 4.46 5.48
C GLY A 108 14.32 5.05 4.99
N ALA A 109 15.29 4.18 4.70
CA ALA A 109 16.61 4.54 4.19
C ALA A 109 16.56 5.33 2.88
N LEU A 110 15.47 5.23 2.11
CA LEU A 110 15.32 6.03 0.88
C LEU A 110 15.08 7.52 1.18
N PHE A 111 14.67 7.87 2.41
CA PHE A 111 14.45 9.25 2.83
C PHE A 111 15.67 9.82 3.59
N ARG A 112 16.56 8.96 4.12
CA ARG A 112 17.71 9.39 4.92
C ARG A 112 19.04 9.37 4.18
N ALA A 113 19.38 8.23 3.54
CA ALA A 113 20.65 8.01 2.84
C ALA A 113 20.86 8.89 1.60
N SER A 114 22.13 9.13 1.24
N SER A 114 22.13 9.13 1.24
CA SER A 114 22.49 9.93 0.07
CA SER A 114 22.49 9.92 0.07
C SER A 114 23.70 9.33 -0.64
C SER A 114 23.69 9.30 -0.64
N GLY A 115 23.72 9.41 -1.97
CA GLY A 115 24.81 8.88 -2.78
C GLY A 115 24.94 7.37 -2.84
N GLU A 116 26.13 6.86 -2.48
CA GLU A 116 26.43 5.43 -2.50
C GLU A 116 25.61 4.64 -1.51
N GLU A 117 25.25 5.24 -0.37
CA GLU A 117 24.42 4.56 0.61
C GLU A 117 22.96 4.42 0.12
N LEU A 118 22.48 5.43 -0.62
CA LEU A 118 21.15 5.47 -1.19
C LEU A 118 20.98 4.43 -2.28
N GLU A 119 22.02 4.20 -3.08
CA GLU A 119 21.97 3.18 -4.12
C GLU A 119 22.01 1.76 -3.52
N LYS A 120 22.64 1.59 -2.35
CA LYS A 120 22.67 0.31 -1.66
C LYS A 120 21.31 0.03 -1.01
N ALA A 121 20.63 1.08 -0.50
CA ALA A 121 19.32 1.00 0.11
C ALA A 121 18.28 0.64 -0.97
N ALA A 122 18.39 1.25 -2.16
CA ALA A 122 17.48 0.98 -3.27
C ALA A 122 17.61 -0.48 -3.73
N LYS A 123 18.84 -1.03 -3.76
CA LYS A 123 19.02 -2.43 -4.12
C LYS A 123 18.43 -3.38 -3.10
N GLU A 124 18.48 -2.99 -1.80
CA GLU A 124 17.91 -3.79 -0.72
C GLU A 124 16.38 -3.81 -0.84
N VAL A 125 15.77 -2.66 -1.17
CA VAL A 125 14.33 -2.56 -1.40
C VAL A 125 13.93 -3.48 -2.57
N VAL A 126 14.71 -3.48 -3.68
CA VAL A 126 14.48 -4.34 -4.85
C VAL A 126 14.49 -5.82 -4.45
N GLU A 127 15.44 -6.25 -3.61
CA GLU A 127 15.48 -7.64 -3.16
C GLU A 127 14.23 -7.99 -2.35
N VAL A 128 13.75 -7.07 -1.53
CA VAL A 128 12.52 -7.25 -0.75
C VAL A 128 11.32 -7.40 -1.69
N LEU A 129 11.25 -6.54 -2.71
CA LEU A 129 10.17 -6.59 -3.67
C LEU A 129 10.20 -7.83 -4.55
N ARG A 130 11.41 -8.38 -4.81
CA ARG A 130 11.62 -9.56 -5.64
C ARG A 130 11.06 -10.80 -4.98
N VAL A 131 11.28 -10.96 -3.67
CA VAL A 131 10.70 -12.07 -2.89
C VAL A 131 9.15 -12.03 -3.00
N LEU A 132 8.58 -10.83 -2.86
CA LEU A 132 7.13 -10.57 -2.96
C LEU A 132 6.64 -10.95 -4.36
N GLU A 133 7.41 -10.56 -5.38
CA GLU A 133 7.06 -10.84 -6.75
C GLU A 133 7.06 -12.35 -7.04
N GLU A 134 8.15 -13.05 -6.68
CA GLU A 134 8.36 -14.47 -6.98
C GLU A 134 7.45 -15.41 -6.17
N GLN A 135 7.35 -15.15 -4.86
CA GLN A 135 6.65 -16.04 -3.96
C GLN A 135 5.21 -15.60 -3.66
N GLY A 136 4.95 -14.29 -3.66
CA GLY A 136 3.63 -13.76 -3.38
C GLY A 136 2.76 -13.59 -4.60
N LEU A 137 3.26 -12.87 -5.62
CA LEU A 137 2.48 -12.64 -6.84
C LEU A 137 2.54 -13.81 -7.82
N GLY A 138 3.74 -14.25 -8.19
CA GLY A 138 3.88 -15.29 -9.21
C GLY A 138 3.33 -14.81 -10.55
N ASP A 139 2.54 -15.64 -11.21
CA ASP A 139 1.95 -15.30 -12.50
C ASP A 139 0.51 -14.77 -12.43
N LYS A 140 0.01 -14.45 -11.23
CA LYS A 140 -1.34 -13.91 -11.08
C LYS A 140 -1.39 -12.46 -11.49
N LYS A 141 -2.56 -11.98 -11.95
CA LYS A 141 -2.67 -10.56 -12.31
C LYS A 141 -2.52 -9.69 -11.03
N PHE A 142 -3.15 -10.14 -9.94
CA PHE A 142 -3.12 -9.41 -8.67
C PHE A 142 -2.75 -10.40 -7.58
N PHE A 143 -2.29 -9.92 -6.41
CA PHE A 143 -2.06 -10.80 -5.26
C PHE A 143 -3.36 -11.58 -4.90
N GLY A 144 -4.54 -11.00 -5.17
CA GLY A 144 -5.80 -11.70 -4.98
C GLY A 144 -6.31 -12.49 -6.17
N GLY A 145 -5.45 -12.72 -7.17
CA GLY A 145 -5.86 -13.45 -8.38
C GLY A 145 -6.39 -12.56 -9.48
N ASP A 146 -7.66 -12.75 -9.89
CA ASP A 146 -8.25 -11.93 -10.95
C ASP A 146 -8.80 -10.57 -10.48
N SER A 147 -8.81 -10.32 -9.16
CA SER A 147 -9.24 -9.04 -8.63
C SER A 147 -8.47 -8.70 -7.35
N ILE A 148 -8.45 -7.42 -6.97
CA ILE A 148 -7.66 -7.01 -5.82
C ILE A 148 -8.22 -7.54 -4.49
N ASN A 149 -7.33 -7.90 -3.56
CA ASN A 149 -7.74 -8.35 -2.23
C ASN A 149 -7.03 -7.52 -1.15
N LEU A 150 -7.00 -7.94 0.14
CA LEU A 150 -6.31 -7.15 1.16
C LEU A 150 -4.80 -7.12 0.96
N VAL A 151 -4.21 -8.15 0.33
CA VAL A 151 -2.76 -8.18 0.03
C VAL A 151 -2.44 -7.06 -0.99
N ASP A 152 -3.19 -6.95 -2.12
CA ASP A 152 -2.99 -5.83 -3.07
C ASP A 152 -3.12 -4.48 -2.39
N ILE A 153 -4.15 -4.32 -1.57
CA ILE A 153 -4.39 -3.08 -0.84
C ILE A 153 -3.19 -2.73 0.05
N SER A 154 -2.67 -3.72 0.81
CA SER A 154 -1.51 -3.53 1.70
C SER A 154 -0.23 -3.19 0.93
N PHE A 155 -0.11 -3.63 -0.32
CA PHE A 155 1.06 -3.32 -1.14
C PHE A 155 0.85 -2.10 -2.06
N GLY A 156 -0.31 -1.45 -2.01
CA GLY A 156 -0.61 -0.29 -2.84
C GLY A 156 0.35 0.87 -2.64
N LEU A 157 0.99 0.95 -1.46
CA LEU A 157 2.02 1.99 -1.25
C LEU A 157 3.23 1.84 -2.19
N PHE A 158 3.40 0.66 -2.81
CA PHE A 158 4.49 0.46 -3.76
C PHE A 158 4.16 1.02 -5.15
N THR A 159 2.97 1.63 -5.33
CA THR A 159 2.59 2.20 -6.60
C THR A 159 2.97 3.72 -6.55
N CYS A 160 2.02 4.68 -6.47
CA CYS A 160 2.37 6.10 -6.59
C CYS A 160 3.15 6.68 -5.41
N TRP A 161 3.09 6.07 -4.22
CA TRP A 161 3.86 6.56 -3.09
C TRP A 161 5.33 6.20 -3.32
N LEU A 162 5.62 4.95 -3.75
CA LEU A 162 7.00 4.55 -4.01
C LEU A 162 7.57 5.36 -5.21
N GLU A 163 6.75 5.60 -6.25
CA GLU A 163 7.13 6.38 -7.42
C GLU A 163 7.57 7.80 -7.01
N ALA A 164 6.83 8.40 -6.05
CA ALA A 164 7.13 9.73 -5.53
C ALA A 164 8.42 9.74 -4.71
N ILE A 165 8.67 8.70 -3.89
CA ILE A 165 9.89 8.58 -3.10
C ILE A 165 11.10 8.38 -4.03
N GLU A 166 10.93 7.64 -5.14
CA GLU A 166 12.00 7.42 -6.08
C GLU A 166 12.40 8.76 -6.74
N GLU A 167 11.41 9.55 -7.16
CA GLU A 167 11.66 10.83 -7.82
C GLU A 167 12.25 11.86 -6.87
N ALA A 168 11.80 11.89 -5.61
CA ALA A 168 12.33 12.81 -4.61
C ALA A 168 13.76 12.46 -4.18
N ALA A 169 14.15 11.18 -4.27
CA ALA A 169 15.48 10.76 -3.84
C ALA A 169 16.48 10.56 -4.97
N GLY A 170 16.02 10.49 -6.20
CA GLY A 170 16.90 10.27 -7.34
C GLY A 170 17.39 8.84 -7.46
N VAL A 171 16.55 7.88 -7.08
CA VAL A 171 16.90 6.46 -7.19
C VAL A 171 15.80 5.68 -7.87
N LYS A 172 16.15 4.60 -8.56
CA LYS A 172 15.15 3.76 -9.22
C LYS A 172 15.04 2.42 -8.48
N VAL A 173 13.82 2.00 -8.21
CA VAL A 173 13.55 0.76 -7.50
C VAL A 173 12.64 -0.16 -8.34
N LEU A 174 11.34 0.18 -8.50
CA LEU A 174 10.41 -0.64 -9.23
C LEU A 174 10.47 -0.30 -10.71
N GLU A 175 11.34 -1.04 -11.45
CA GLU A 175 11.55 -0.87 -12.90
C GLU A 175 11.08 -2.14 -13.61
N PRO A 176 10.61 -2.03 -14.86
CA PRO A 176 10.18 -3.24 -15.60
C PRO A 176 11.32 -4.25 -15.84
N SER A 177 12.53 -3.75 -16.09
CA SER A 177 13.70 -4.60 -16.30
C SER A 177 14.04 -5.52 -15.11
N THR A 178 14.05 -4.98 -13.90
CA THR A 178 14.47 -5.74 -12.71
C THR A 178 13.33 -6.45 -12.01
N LEU A 179 12.09 -5.93 -12.14
CA LEU A 179 10.94 -6.57 -11.51
C LEU A 179 9.81 -6.62 -12.56
N PRO A 180 9.93 -7.45 -13.59
CA PRO A 180 8.92 -7.44 -14.67
C PRO A 180 7.48 -7.67 -14.22
N ARG A 181 7.22 -8.71 -13.42
CA ARG A 181 5.87 -9.04 -12.99
C ARG A 181 5.32 -8.06 -11.98
N LEU A 182 6.12 -7.62 -11.00
CA LEU A 182 5.63 -6.64 -10.02
C LEU A 182 5.40 -5.28 -10.67
N HIS A 183 6.23 -4.92 -11.69
CA HIS A 183 6.03 -3.67 -12.40
C HIS A 183 4.71 -3.71 -13.18
N ALA A 184 4.41 -4.81 -13.83
CA ALA A 184 3.15 -4.97 -14.57
C ALA A 184 1.95 -4.97 -13.57
N TRP A 185 2.14 -5.55 -12.36
CA TRP A 185 1.12 -5.54 -11.30
C TRP A 185 0.84 -4.11 -10.89
N ALA A 186 1.90 -3.32 -10.66
CA ALA A 186 1.74 -1.96 -10.17
C ALA A 186 0.98 -1.08 -11.15
N GLN A 187 1.21 -1.30 -12.48
CA GLN A 187 0.45 -0.58 -13.50
C GLN A 187 -1.01 -1.04 -13.47
N ASN A 188 -1.25 -2.35 -13.41
CA ASN A 188 -2.60 -2.90 -13.37
C ASN A 188 -3.39 -2.40 -12.16
N PHE A 189 -2.76 -2.38 -10.98
CA PHE A 189 -3.38 -1.90 -9.76
C PHE A 189 -3.79 -0.43 -9.87
N ILE A 190 -2.85 0.42 -10.28
CA ILE A 190 -3.08 1.86 -10.37
C ILE A 190 -4.16 2.21 -11.45
N GLU A 191 -4.36 1.32 -12.42
CA GLU A 191 -5.35 1.47 -13.46
C GLU A 191 -6.73 0.94 -13.07
N VAL A 192 -6.86 0.17 -11.97
CA VAL A 192 -8.16 -0.30 -11.47
C VAL A 192 -8.99 0.96 -11.17
N PRO A 193 -10.17 1.09 -11.81
CA PRO A 193 -10.97 2.32 -11.63
C PRO A 193 -11.17 2.75 -10.17
N LEU A 194 -11.42 1.79 -9.28
CA LEU A 194 -11.56 2.13 -7.85
C LEU A 194 -10.29 2.80 -7.29
N ILE A 195 -9.11 2.28 -7.66
CA ILE A 195 -7.84 2.85 -7.22
C ILE A 195 -7.58 4.16 -7.95
N LYS A 196 -7.71 4.18 -9.29
CA LYS A 196 -7.49 5.38 -10.12
C LYS A 196 -8.29 6.60 -9.61
N GLU A 197 -9.55 6.37 -9.24
CA GLU A 197 -10.40 7.45 -8.71
C GLU A 197 -10.14 7.79 -7.24
N ASN A 198 -9.25 7.04 -6.56
CA ASN A 198 -9.00 7.25 -5.14
C ASN A 198 -7.52 7.18 -4.77
N ILE A 199 -6.73 8.09 -5.33
CA ILE A 199 -5.30 8.20 -5.00
C ILE A 199 -4.95 9.67 -4.86
N PRO A 200 -3.89 10.03 -4.11
CA PRO A 200 -3.53 11.46 -4.00
C PRO A 200 -3.10 12.01 -5.36
N ASP A 201 -3.12 13.35 -5.49
CA ASP A 201 -2.65 13.99 -6.72
C ASP A 201 -1.12 13.79 -6.73
N TYR A 202 -0.55 13.25 -7.83
CA TYR A 202 0.88 12.96 -7.87
C TYR A 202 1.75 14.18 -7.56
N ASP A 203 1.40 15.35 -8.13
CA ASP A 203 2.15 16.59 -7.88
C ASP A 203 2.21 16.93 -6.41
N LYS A 204 1.07 16.86 -5.73
CA LYS A 204 1.00 17.13 -4.30
C LYS A 204 1.76 16.09 -3.48
N LEU A 205 1.67 14.80 -3.86
CA LEU A 205 2.34 13.70 -3.17
C LEU A 205 3.87 13.79 -3.32
N LEU A 206 4.35 14.15 -4.50
CA LEU A 206 5.78 14.31 -4.77
C LEU A 206 6.34 15.45 -3.91
N LEU A 207 5.62 16.59 -3.87
CA LEU A 207 6.05 17.73 -3.05
C LEU A 207 6.06 17.36 -1.56
N HIS A 208 5.15 16.48 -1.13
CA HIS A 208 5.12 16.01 0.25
C HIS A 208 6.36 15.13 0.51
N MET A 209 6.67 14.19 -0.41
CA MET A 209 7.83 13.31 -0.26
C MET A 209 9.16 14.07 -0.26
N LYS A 210 9.28 15.10 -1.12
CA LYS A 210 10.46 15.97 -1.18
C LYS A 210 10.67 16.67 0.17
N GLY A 211 9.58 17.14 0.77
CA GLY A 211 9.62 17.80 2.07
C GLY A 211 9.99 16.86 3.20
N VAL A 212 9.54 15.59 3.14
CA VAL A 212 9.85 14.60 4.15
C VAL A 212 11.34 14.19 4.06
N ARG A 213 11.87 14.10 2.83
CA ARG A 213 13.28 13.75 2.61
C ARG A 213 14.19 14.89 3.08
N GLU A 214 13.78 16.14 2.86
CA GLU A 214 14.49 17.35 3.28
C GLU A 214 14.61 17.36 4.81
N LYS A 215 13.51 17.04 5.50
CA LYS A 215 13.43 16.99 6.97
C LYS A 215 14.37 15.93 7.54
N MET A 216 14.39 14.74 6.94
CA MET A 216 15.23 13.64 7.40
C MET A 216 16.64 13.64 6.79
N MET A 217 17.05 14.76 6.13
CA MET A 217 18.36 14.92 5.48
C MET A 217 18.65 13.86 4.41
CA CA B . 8.48 2.45 -11.66
#